data_4OG3
#
_entry.id   4OG3
#
_cell.length_a   48.868
_cell.length_b   80.256
_cell.length_c   124.718
_cell.angle_alpha   90.00
_cell.angle_beta   90.00
_cell.angle_gamma   90.00
#
_symmetry.space_group_name_H-M   'P 21 21 21'
#
loop_
_entity.id
_entity.type
_entity.pdbx_description
1 polymer Menin
2 non-polymer 'SULFATE ION'
3 non-polymer 4-(3-{4-[(R)-cyclopentyl(hydroxy)phenylmethyl]piperidin-1-yl}propoxy)benzonitrile
4 non-polymer 'TETRAETHYLENE GLYCOL'
5 non-polymer DI(HYDROXYETHYL)ETHER
6 non-polymer 'DIMETHYL SULFOXIDE'
7 water water
#
_entity_poly.entity_id   1
_entity_poly.type   'polypeptide(L)'
_entity_poly.pdbx_seq_one_letter_code
;GGSSSMGLKAAQKTLFPLRSIDDVVRLFAAELGREEPDLVLLSLVLGFVEHFLAVNRVGLTYFPVADLSIIAALYARFTA
QIRGAVDLSLYPREGGVSSRELVKKVSDVIWNSLSRSYFKDRAHIQSLFSFITGTKLDSSGVAFAVVGACQALGLRDVHL
ALSEDHAWVVFGPNGEQTAEVTWHGKGNEDRRGQTVNAGVAERSWLYLKGSYMRCDRKMEVAFMVCAINPSIDLHTDSLE
LLQLQQKLLWLLYDLGHLERYPMALGNLADLEELEPTPGRPDPLTLYHKGIASAKTYYRDEHIYPYMYLAGYHCRNRNVR
EALQAWADTATVIQDYNYCREDEEIYKEFFEVANDVIPNLLKEAASLLEAGSQGSALQDPECFAHLLRFYDGICKWEEGS
PTPVLHVGWATFLVQSLGRFEGQVRQKVRIVSVPAPVLTFQSEKMKGMKELLVATKINSSAIKLQLTAQSQVQMKKQKVS
;
_entity_poly.pdbx_strand_id   A
#
loop_
_chem_comp.id
_chem_comp.type
_chem_comp.name
_chem_comp.formula
2S6 non-polymer 4-(3-{4-[(R)-cyclopentyl(hydroxy)phenylmethyl]piperidin-1-yl}propoxy)benzonitrile 'C27 H34 N2 O2'
DMS non-polymer 'DIMETHYL SULFOXIDE' 'C2 H6 O S'
PEG non-polymer DI(HYDROXYETHYL)ETHER 'C4 H10 O3'
PG4 non-polymer 'TETRAETHYLENE GLYCOL' 'C8 H18 O5'
SO4 non-polymer 'SULFATE ION' 'O4 S -2'
#
# COMPACT_ATOMS: atom_id res chain seq x y z
N GLY A 7 -15.04 -8.51 -26.94
CA GLY A 7 -16.35 -8.54 -27.64
C GLY A 7 -17.52 -8.01 -26.83
N LEU A 8 -17.97 -8.76 -25.81
CA LEU A 8 -17.35 -9.98 -25.30
C LEU A 8 -17.40 -11.15 -26.26
N LYS A 9 -16.58 -12.13 -25.95
CA LYS A 9 -16.44 -13.30 -26.73
C LYS A 9 -17.39 -14.33 -26.15
N ALA A 10 -17.89 -15.20 -27.00
CA ALA A 10 -18.89 -16.18 -26.58
C ALA A 10 -18.44 -16.93 -25.31
N ALA A 11 -17.18 -17.35 -25.25
CA ALA A 11 -16.63 -18.04 -24.08
C ALA A 11 -16.63 -17.27 -22.76
N GLN A 12 -16.58 -15.96 -22.81
CA GLN A 12 -16.60 -15.21 -21.61
C GLN A 12 -18.02 -15.08 -21.16
N LYS A 13 -19.01 -15.41 -21.99
CA LYS A 13 -20.42 -15.17 -21.61
C LYS A 13 -21.06 -16.40 -20.95
N THR A 14 -20.50 -17.60 -21.15
CA THR A 14 -21.17 -18.83 -20.75
C THR A 14 -21.31 -18.93 -19.23
N LEU A 15 -20.54 -18.19 -18.44
CA LEU A 15 -20.69 -18.33 -16.95
C LEU A 15 -21.83 -17.49 -16.38
N PHE A 16 -22.43 -16.64 -17.21
CA PHE A 16 -23.50 -15.77 -16.68
C PHE A 16 -24.84 -16.51 -16.70
N PRO A 17 -25.76 -16.13 -15.82
CA PRO A 17 -25.59 -15.11 -14.77
C PRO A 17 -24.75 -15.57 -13.59
N LEU A 18 -24.13 -14.61 -12.92
CA LEU A 18 -23.38 -14.89 -11.72
C LEU A 18 -24.32 -14.72 -10.55
N ARG A 19 -24.54 -15.81 -9.79
CA ARG A 19 -25.58 -15.83 -8.74
C ARG A 19 -25.01 -15.89 -7.32
N SER A 20 -23.70 -15.93 -7.20
CA SER A 20 -23.08 -16.10 -5.93
C SER A 20 -21.60 -15.71 -6.02
N ILE A 21 -21.03 -15.56 -4.83
CA ILE A 21 -19.62 -15.38 -4.68
C ILE A 21 -18.86 -16.43 -5.50
N ASP A 22 -19.21 -17.70 -5.37
CA ASP A 22 -18.44 -18.74 -6.03
C ASP A 22 -18.56 -18.61 -7.54
N ASP A 23 -19.68 -18.14 -8.03
CA ASP A 23 -19.83 -17.88 -9.49
C ASP A 23 -18.85 -16.75 -9.93
N VAL A 24 -18.67 -15.74 -9.10
CA VAL A 24 -17.74 -14.71 -9.45
C VAL A 24 -16.32 -15.26 -9.52
N VAL A 25 -15.95 -16.02 -8.49
CA VAL A 25 -14.66 -16.72 -8.47
C VAL A 25 -14.48 -17.56 -9.73
N ARG A 26 -15.52 -18.27 -10.20
CA ARG A 26 -15.39 -19.08 -11.43
C ARG A 26 -15.05 -18.19 -12.62
N LEU A 27 -15.64 -16.99 -12.67
CA LEU A 27 -15.40 -16.11 -13.78
C LEU A 27 -13.91 -15.69 -13.77
N PHE A 28 -13.40 -15.30 -12.60
CA PHE A 28 -12.03 -14.93 -12.45
C PHE A 28 -11.08 -16.04 -12.81
N ALA A 29 -11.41 -17.24 -12.41
CA ALA A 29 -10.57 -18.37 -12.73
C ALA A 29 -10.57 -18.62 -14.25
N ALA A 30 -11.73 -18.54 -14.87
CA ALA A 30 -11.80 -18.66 -16.31
C ALA A 30 -10.93 -17.60 -17.01
N GLU A 31 -11.09 -16.34 -16.60
CA GLU A 31 -10.36 -15.23 -17.27
C GLU A 31 -8.85 -15.38 -17.04
N LEU A 32 -8.48 -15.91 -15.89
CA LEU A 32 -7.10 -15.95 -15.57
C LEU A 32 -6.48 -17.09 -16.35
N GLY A 33 -7.28 -18.07 -16.78
CA GLY A 33 -6.80 -19.20 -17.61
C GLY A 33 -6.65 -18.82 -19.08
N ARG A 34 -7.05 -17.60 -19.44
CA ARG A 34 -6.88 -17.10 -20.78
C ARG A 34 -5.56 -16.37 -20.99
N GLU A 35 -5.28 -16.25 -22.26
CA GLU A 35 -4.17 -15.52 -22.81
C GLU A 35 -4.06 -14.17 -22.11
N GLU A 36 -5.14 -13.40 -22.16
CA GLU A 36 -5.23 -12.03 -21.64
C GLU A 36 -6.54 -11.94 -20.83
N PRO A 37 -6.48 -12.05 -19.50
CA PRO A 37 -7.64 -11.83 -18.71
C PRO A 37 -8.22 -10.45 -19.05
N ASP A 38 -9.54 -10.39 -19.19
CA ASP A 38 -10.21 -9.18 -19.59
C ASP A 38 -10.45 -8.21 -18.42
N LEU A 39 -9.59 -7.18 -18.35
CA LEU A 39 -9.66 -6.26 -17.20
C LEU A 39 -10.98 -5.51 -17.08
N VAL A 40 -11.50 -5.13 -18.23
CA VAL A 40 -12.73 -4.33 -18.26
C VAL A 40 -13.88 -5.15 -17.76
N LEU A 41 -14.01 -6.39 -18.29
CA LEU A 41 -15.01 -7.30 -17.77
C LEU A 41 -14.96 -7.46 -16.25
N LEU A 42 -13.77 -7.78 -15.75
CA LEU A 42 -13.61 -8.21 -14.40
C LEU A 42 -13.83 -7.04 -13.48
N SER A 43 -13.38 -5.84 -13.88
CA SER A 43 -13.60 -4.63 -13.06
C SER A 43 -15.08 -4.19 -13.01
N LEU A 44 -15.76 -4.29 -14.15
CA LEU A 44 -17.19 -4.02 -14.16
C LEU A 44 -17.93 -4.96 -13.24
N VAL A 45 -17.59 -6.25 -13.28
CA VAL A 45 -18.28 -7.23 -12.47
C VAL A 45 -18.02 -6.90 -10.98
N LEU A 46 -16.78 -6.68 -10.60
CA LEU A 46 -16.48 -6.42 -9.19
C LEU A 46 -17.20 -5.14 -8.72
N GLY A 47 -17.23 -4.11 -9.57
CA GLY A 47 -17.88 -2.85 -9.23
C GLY A 47 -19.38 -2.95 -9.12
N PHE A 48 -19.95 -3.79 -9.97
CA PHE A 48 -21.35 -4.03 -9.88
C PHE A 48 -21.66 -4.73 -8.55
N VAL A 49 -20.94 -5.79 -8.25
CA VAL A 49 -21.27 -6.57 -7.01
C VAL A 49 -20.95 -5.76 -5.75
N GLU A 50 -19.93 -4.94 -5.77
CA GLU A 50 -19.58 -4.02 -4.63
C GLU A 50 -20.66 -2.96 -4.48
N HIS A 51 -21.17 -2.45 -5.60
CA HIS A 51 -22.19 -1.43 -5.52
C HIS A 51 -23.41 -1.97 -4.72
N PHE A 52 -23.86 -3.13 -5.11
CA PHE A 52 -25.07 -3.69 -4.55
C PHE A 52 -24.85 -4.49 -3.28
N LEU A 53 -23.59 -4.62 -2.81
CA LEU A 53 -23.31 -5.22 -1.53
C LEU A 53 -22.86 -4.22 -0.52
N ALA A 54 -22.37 -3.07 -0.96
CA ALA A 54 -21.81 -2.07 -0.04
C ALA A 54 -22.41 -0.71 -0.16
N VAL A 55 -22.79 -0.27 -1.36
CA VAL A 55 -23.27 1.09 -1.54
C VAL A 55 -24.76 1.12 -1.39
N ASN A 56 -25.44 0.16 -1.99
CA ASN A 56 -26.88 0.11 -1.88
C ASN A 56 -27.41 -1.32 -1.80
N ARG A 57 -27.68 -1.75 -0.58
CA ARG A 57 -28.16 -3.10 -0.30
C ARG A 57 -29.72 -3.22 -0.24
N VAL A 58 -30.43 -2.16 -0.62
CA VAL A 58 -31.90 -2.19 -0.65
C VAL A 58 -32.36 -3.32 -1.56
N GLY A 59 -33.11 -4.31 -1.03
CA GLY A 59 -33.61 -5.43 -1.84
C GLY A 59 -32.75 -6.69 -1.80
N LEU A 60 -31.58 -6.50 -1.18
CA LEU A 60 -30.64 -7.61 -1.14
C LEU A 60 -31.24 -8.83 -0.36
N THR A 61 -31.22 -10.00 -0.95
CA THR A 61 -31.60 -11.16 -0.20
C THR A 61 -30.52 -12.22 -0.08
N TYR A 62 -29.52 -12.18 -0.95
CA TYR A 62 -28.40 -13.10 -0.76
C TYR A 62 -27.21 -12.60 -1.51
N PHE A 63 -27.35 -12.41 -2.80
CA PHE A 63 -26.25 -11.96 -3.63
C PHE A 63 -26.84 -11.22 -4.84
N PRO A 64 -26.21 -10.13 -5.26
CA PRO A 64 -26.75 -9.39 -6.40
C PRO A 64 -26.45 -10.07 -7.72
N VAL A 65 -27.47 -10.64 -8.31
CA VAL A 65 -27.33 -11.43 -9.51
C VAL A 65 -26.81 -10.54 -10.62
N ALA A 66 -25.64 -10.93 -11.18
CA ALA A 66 -25.08 -10.20 -12.30
C ALA A 66 -25.52 -10.91 -13.64
N ASP A 67 -26.55 -10.36 -14.26
CA ASP A 67 -27.00 -10.82 -15.58
C ASP A 67 -26.10 -10.34 -16.72
N LEU A 68 -25.97 -11.19 -17.71
CA LEU A 68 -25.18 -10.90 -18.87
C LEU A 68 -25.64 -9.62 -19.49
N SER A 69 -26.96 -9.46 -19.61
CA SER A 69 -27.51 -8.35 -20.36
C SER A 69 -27.05 -7.05 -19.69
N ILE A 70 -27.03 -6.99 -18.36
CA ILE A 70 -26.56 -5.81 -17.60
C ILE A 70 -25.03 -5.59 -17.77
N ILE A 71 -24.25 -6.66 -17.60
CA ILE A 71 -22.79 -6.55 -17.63
C ILE A 71 -22.38 -6.21 -19.06
N ALA A 72 -23.01 -6.83 -20.05
CA ALA A 72 -22.70 -6.53 -21.45
C ALA A 72 -22.97 -5.09 -21.82
N ALA A 73 -24.05 -4.51 -21.29
CA ALA A 73 -24.36 -3.15 -21.70
C ALA A 73 -23.33 -2.22 -21.10
N LEU A 74 -22.93 -2.49 -19.86
CA LEU A 74 -21.90 -1.66 -19.22
C LEU A 74 -20.60 -1.75 -20.02
N TYR A 75 -20.27 -2.97 -20.42
CA TYR A 75 -19.04 -3.22 -21.17
C TYR A 75 -19.06 -2.46 -22.52
N ALA A 76 -20.22 -2.42 -23.18
CA ALA A 76 -20.37 -1.71 -24.46
C ALA A 76 -20.27 -0.22 -24.23
N ARG A 77 -20.76 0.26 -23.09
CA ARG A 77 -20.64 1.66 -22.72
C ARG A 77 -19.17 2.08 -22.66
N PHE A 78 -18.36 1.31 -21.93
CA PHE A 78 -16.94 1.60 -21.81
C PHE A 78 -16.24 1.50 -23.16
N THR A 79 -16.41 0.41 -23.86
CA THR A 79 -15.62 0.23 -25.06
C THR A 79 -16.03 1.21 -26.12
N ALA A 80 -17.34 1.52 -26.25
CA ALA A 80 -17.73 2.59 -27.15
C ALA A 80 -17.12 3.95 -26.81
N GLN A 81 -17.01 4.28 -25.53
CA GLN A 81 -16.49 5.60 -25.15
C GLN A 81 -15.00 5.69 -25.57
N ILE A 82 -14.28 4.58 -25.41
CA ILE A 82 -12.83 4.54 -25.62
C ILE A 82 -12.59 4.51 -27.11
N ARG A 83 -13.31 3.68 -27.88
CA ARG A 83 -13.02 3.50 -29.31
C ARG A 83 -13.47 4.68 -30.13
N GLY A 84 -14.55 5.30 -29.71
CA GLY A 84 -15.01 6.50 -30.31
C GLY A 84 -14.05 7.66 -30.12
N ALA A 85 -13.28 7.69 -29.05
CA ALA A 85 -12.54 8.90 -28.69
C ALA A 85 -11.06 8.75 -29.05
N VAL A 86 -10.55 7.53 -29.15
CA VAL A 86 -9.15 7.28 -29.45
C VAL A 86 -9.08 6.68 -30.86
N ASP A 87 -8.65 7.49 -31.81
CA ASP A 87 -8.47 7.01 -33.17
C ASP A 87 -7.05 6.48 -33.29
N LEU A 88 -6.89 5.17 -33.20
CA LEU A 88 -5.59 4.55 -33.32
C LEU A 88 -4.84 4.81 -34.61
N SER A 89 -5.54 5.20 -35.70
CA SER A 89 -4.88 5.46 -36.97
C SER A 89 -3.97 6.67 -36.92
N LEU A 90 -4.22 7.57 -35.96
CA LEU A 90 -3.41 8.76 -35.74
C LEU A 90 -2.12 8.53 -34.95
N TYR A 91 -1.97 7.33 -34.38
CA TYR A 91 -0.82 6.97 -33.56
C TYR A 91 -0.24 5.63 -34.03
N PRO A 92 0.49 5.64 -35.13
CA PRO A 92 0.90 4.31 -35.64
C PRO A 92 1.89 3.61 -34.68
N ARG A 93 1.67 2.31 -34.48
CA ARG A 93 2.52 1.48 -33.60
C ARG A 93 3.61 0.72 -34.39
N GLU A 94 4.85 1.21 -34.30
CA GLU A 94 6.00 0.43 -34.73
C GLU A 94 6.30 -0.59 -33.62
N GLY A 95 6.19 -1.88 -33.94
CA GLY A 95 6.80 -2.95 -33.15
C GLY A 95 5.89 -3.69 -32.18
N GLY A 96 4.58 -3.49 -32.32
CA GLY A 96 3.65 -4.04 -31.38
C GLY A 96 3.69 -3.23 -30.09
N VAL A 97 4.25 -2.02 -30.15
CA VAL A 97 4.31 -1.19 -28.97
C VAL A 97 3.82 0.25 -29.17
N SER A 98 3.36 0.82 -28.06
CA SER A 98 2.63 2.05 -28.05
C SER A 98 3.57 3.25 -27.98
N SER A 99 3.05 4.42 -28.31
CA SER A 99 3.82 5.64 -28.19
C SER A 99 3.36 6.51 -27.01
N ARG A 100 4.21 7.44 -26.61
CA ARG A 100 3.86 8.28 -25.46
C ARG A 100 2.59 9.10 -25.74
N GLU A 101 2.42 9.53 -27.01
CA GLU A 101 1.30 10.40 -27.41
C GLU A 101 0.00 9.61 -27.24
N LEU A 102 0.05 8.36 -27.63
CA LEU A 102 -1.10 7.49 -27.54
C LEU A 102 -1.48 7.24 -26.12
N VAL A 103 -0.50 6.88 -25.29
CA VAL A 103 -0.77 6.75 -23.85
C VAL A 103 -1.37 8.05 -23.26
N LYS A 104 -0.81 9.21 -23.61
CA LYS A 104 -1.32 10.48 -23.07
C LYS A 104 -2.76 10.69 -23.51
N LYS A 105 -3.07 10.27 -24.73
CA LYS A 105 -4.42 10.48 -25.28
C LYS A 105 -5.41 9.65 -24.55
N VAL A 106 -5.06 8.40 -24.24
CA VAL A 106 -5.95 7.56 -23.45
C VAL A 106 -6.15 8.16 -22.01
N SER A 107 -5.06 8.58 -21.41
CA SER A 107 -5.16 9.30 -20.14
C SER A 107 -6.13 10.48 -20.23
N ASP A 108 -6.00 11.33 -21.27
CA ASP A 108 -6.81 12.52 -21.41
C ASP A 108 -8.28 12.12 -21.52
N VAL A 109 -8.54 11.05 -22.28
CA VAL A 109 -9.88 10.54 -22.45
C VAL A 109 -10.53 10.18 -21.14
N ILE A 110 -9.89 9.35 -20.31
CA ILE A 110 -10.43 8.99 -19.01
C ILE A 110 -10.63 10.23 -18.09
N TRP A 111 -9.59 11.07 -18.03
CA TRP A 111 -9.59 12.28 -17.19
C TRP A 111 -10.72 13.23 -17.57
N ASN A 112 -10.87 13.44 -18.88
CA ASN A 112 -11.87 14.35 -19.36
C ASN A 112 -13.26 13.82 -19.19
N SER A 113 -13.44 12.53 -19.00
CA SER A 113 -14.76 11.96 -18.74
C SER A 113 -15.23 12.16 -17.29
N LEU A 114 -14.32 12.54 -16.40
CA LEU A 114 -14.66 12.54 -14.96
C LEU A 114 -15.49 13.79 -14.55
N SER A 115 -16.43 13.68 -13.62
CA SER A 115 -17.13 14.88 -13.13
C SER A 115 -16.05 15.88 -12.65
N ARG A 116 -16.34 17.16 -12.84
CA ARG A 116 -15.38 18.24 -12.62
C ARG A 116 -15.09 18.40 -11.13
N SER A 117 -16.08 18.10 -10.29
CA SER A 117 -16.00 18.30 -8.83
C SER A 117 -16.60 17.09 -8.11
N TYR A 118 -15.79 16.41 -7.30
CA TYR A 118 -16.33 15.43 -6.36
C TYR A 118 -15.31 15.08 -5.28
N PHE A 119 -15.71 14.36 -4.23
CA PHE A 119 -14.77 14.01 -3.16
C PHE A 119 -13.98 12.83 -3.67
N LYS A 120 -12.69 13.05 -3.92
CA LYS A 120 -11.83 12.09 -4.66
C LYS A 120 -11.42 10.93 -3.74
N ASP A 121 -11.62 11.15 -2.45
CA ASP A 121 -11.36 10.20 -1.37
C ASP A 121 -12.54 9.29 -0.96
N ARG A 122 -13.67 9.32 -1.64
CA ARG A 122 -14.78 8.48 -1.21
C ARG A 122 -14.42 7.03 -1.41
N ALA A 123 -15.09 6.17 -0.64
CA ALA A 123 -15.07 4.75 -0.88
C ALA A 123 -15.80 4.41 -2.20
N HIS A 124 -15.50 3.26 -2.79
CA HIS A 124 -16.26 2.70 -3.90
C HIS A 124 -16.22 3.48 -5.21
N ILE A 125 -15.15 4.23 -5.46
CA ILE A 125 -15.00 4.92 -6.78
C ILE A 125 -13.70 4.45 -7.41
N GLN A 126 -13.40 3.17 -7.23
CA GLN A 126 -12.13 2.60 -7.72
C GLN A 126 -12.31 1.82 -9.04
N SER A 127 -13.54 1.39 -9.34
CA SER A 127 -13.82 0.45 -10.47
C SER A 127 -14.31 1.13 -11.72
N LEU A 128 -14.35 0.34 -12.78
CA LEU A 128 -14.94 0.81 -14.03
C LEU A 128 -16.47 0.97 -13.92
N PHE A 129 -17.10 0.26 -12.98
CA PHE A 129 -18.52 0.48 -12.69
C PHE A 129 -18.76 1.93 -12.22
N SER A 130 -17.88 2.42 -11.36
CA SER A 130 -17.97 3.79 -10.85
C SER A 130 -17.68 4.77 -12.01
N PHE A 131 -16.70 4.45 -12.84
CA PHE A 131 -16.40 5.30 -13.99
C PHE A 131 -17.61 5.44 -14.90
N ILE A 132 -18.28 4.32 -15.17
CA ILE A 132 -19.41 4.36 -16.12
C ILE A 132 -20.70 4.91 -15.52
N THR A 133 -21.01 4.57 -14.27
CA THR A 133 -22.32 4.89 -13.78
C THR A 133 -22.28 6.25 -13.01
N GLY A 134 -21.10 6.61 -12.48
CA GLY A 134 -20.98 7.82 -11.67
C GLY A 134 -20.00 8.84 -12.21
N THR A 135 -19.34 8.53 -13.31
CA THR A 135 -18.20 9.37 -13.82
C THR A 135 -17.21 9.84 -12.74
N LYS A 136 -16.87 8.92 -11.84
CA LYS A 136 -15.98 9.17 -10.75
C LYS A 136 -14.97 8.04 -10.56
N LEU A 137 -13.72 8.41 -10.39
CA LEU A 137 -12.61 7.52 -10.07
C LEU A 137 -11.67 8.14 -9.06
N ASP A 138 -11.09 7.32 -8.21
CA ASP A 138 -10.00 7.79 -7.31
C ASP A 138 -8.72 7.74 -8.10
N SER A 139 -7.62 8.17 -7.49
CA SER A 139 -6.34 8.43 -8.24
C SER A 139 -5.84 7.18 -8.95
N SER A 140 -5.66 6.12 -8.19
CA SER A 140 -5.14 4.91 -8.82
C SER A 140 -6.19 4.28 -9.72
N GLY A 141 -7.45 4.51 -9.41
CA GLY A 141 -8.49 4.03 -10.28
C GLY A 141 -8.38 4.59 -11.69
N VAL A 142 -8.03 5.87 -11.81
CA VAL A 142 -7.72 6.43 -13.16
C VAL A 142 -6.57 5.69 -13.85
N ALA A 143 -5.47 5.36 -13.16
CA ALA A 143 -4.37 4.59 -13.81
C ALA A 143 -4.86 3.24 -14.29
N PHE A 144 -5.62 2.54 -13.41
CA PHE A 144 -6.19 1.23 -13.78
C PHE A 144 -7.11 1.36 -14.99
N ALA A 145 -7.94 2.38 -15.02
CA ALA A 145 -8.82 2.61 -16.19
C ALA A 145 -8.09 2.86 -17.48
N VAL A 146 -7.02 3.61 -17.37
CA VAL A 146 -6.12 3.81 -18.55
C VAL A 146 -5.58 2.48 -19.06
N VAL A 147 -5.13 1.60 -18.16
CA VAL A 147 -4.65 0.28 -18.58
C VAL A 147 -5.76 -0.59 -19.19
N GLY A 148 -6.93 -0.63 -18.55
CA GLY A 148 -8.09 -1.26 -19.14
C GLY A 148 -8.49 -0.75 -20.50
N ALA A 149 -8.49 0.56 -20.65
CA ALA A 149 -8.76 1.16 -21.93
C ALA A 149 -7.76 0.75 -23.01
N CYS A 150 -6.47 0.70 -22.63
CA CYS A 150 -5.41 0.31 -23.54
C CYS A 150 -5.56 -1.13 -23.96
N GLN A 151 -5.86 -2.01 -23.01
CA GLN A 151 -6.16 -3.35 -23.38
C GLN A 151 -7.33 -3.43 -24.32
N ALA A 152 -8.39 -2.64 -24.08
CA ALA A 152 -9.53 -2.76 -24.94
C ALA A 152 -9.18 -2.32 -26.39
N LEU A 153 -8.22 -1.43 -26.54
CA LEU A 153 -7.73 -0.96 -27.84
C LEU A 153 -6.72 -1.89 -28.46
N GLY A 154 -6.34 -2.99 -27.80
CA GLY A 154 -5.29 -3.88 -28.33
C GLY A 154 -3.86 -3.52 -28.03
N LEU A 155 -3.60 -2.64 -27.04
CA LEU A 155 -2.26 -2.20 -26.76
C LEU A 155 -1.67 -3.05 -25.64
N ARG A 156 -1.22 -4.22 -26.05
CA ARG A 156 -0.72 -5.29 -25.16
C ARG A 156 0.47 -4.86 -24.23
N ASP A 157 1.25 -3.87 -24.69
CA ASP A 157 2.41 -3.40 -23.99
C ASP A 157 2.11 -2.43 -22.84
N VAL A 158 0.89 -1.93 -22.72
CA VAL A 158 0.66 -0.90 -21.68
C VAL A 158 0.25 -1.60 -20.41
N HIS A 159 0.93 -1.33 -19.29
CA HIS A 159 0.74 -2.05 -18.03
C HIS A 159 0.82 -1.13 -16.85
N LEU A 160 0.20 -1.55 -15.78
CA LEU A 160 0.11 -0.78 -14.54
C LEU A 160 1.42 -0.86 -13.77
N ALA A 161 1.87 0.27 -13.26
CA ALA A 161 2.98 0.34 -12.37
C ALA A 161 2.48 0.92 -11.04
N LEU A 162 2.96 0.34 -9.94
CA LEU A 162 2.52 0.71 -8.61
C LEU A 162 3.68 0.89 -7.68
N SER A 163 3.74 2.03 -6.99
CA SER A 163 4.56 2.22 -5.81
C SER A 163 3.63 1.98 -4.60
N GLU A 164 4.13 2.09 -3.37
CA GLU A 164 3.29 2.02 -2.22
C GLU A 164 2.22 3.11 -1.98
N ASP A 165 2.17 4.12 -2.84
CA ASP A 165 1.23 5.27 -2.69
C ASP A 165 0.88 5.97 -4.00
N HIS A 166 1.28 5.42 -5.17
CA HIS A 166 0.97 6.06 -6.43
C HIS A 166 0.95 4.99 -7.55
N ALA A 167 0.36 5.34 -8.69
CA ALA A 167 0.23 4.48 -9.78
C ALA A 167 0.45 5.22 -11.05
N TRP A 168 0.96 4.50 -12.05
CA TRP A 168 1.20 5.04 -13.36
C TRP A 168 1.37 3.89 -14.31
N VAL A 169 1.70 4.17 -15.57
CA VAL A 169 1.95 3.11 -16.56
C VAL A 169 3.34 2.93 -17.08
N VAL A 170 3.59 1.72 -17.57
CA VAL A 170 4.81 1.44 -18.29
C VAL A 170 4.32 0.95 -19.67
N PHE A 171 5.14 1.11 -20.68
CA PHE A 171 4.80 0.81 -22.07
C PHE A 171 6.06 0.86 -22.90
N GLY A 172 5.91 0.51 -24.18
CA GLY A 172 6.90 0.90 -25.15
C GLY A 172 7.90 -0.21 -25.32
N PRO A 173 8.97 0.10 -26.05
CA PRO A 173 10.01 -0.89 -26.36
C PRO A 173 10.47 -1.51 -25.07
N ASN A 174 10.41 -2.86 -25.00
CA ASN A 174 10.72 -3.66 -23.80
C ASN A 174 9.99 -3.26 -22.55
N GLY A 175 8.86 -2.56 -22.64
CA GLY A 175 8.21 -2.10 -21.42
C GLY A 175 9.03 -1.08 -20.64
N GLU A 176 9.97 -0.40 -21.31
CA GLU A 176 10.91 0.45 -20.55
C GLU A 176 10.47 1.89 -20.30
N GLN A 177 9.40 2.38 -20.95
CA GLN A 177 8.96 3.76 -20.77
C GLN A 177 8.03 3.83 -19.62
N THR A 178 8.07 4.94 -18.87
CA THR A 178 7.05 5.26 -17.91
C THR A 178 6.27 6.53 -18.31
N ALA A 179 5.01 6.55 -17.92
CA ALA A 179 4.25 7.74 -18.04
C ALA A 179 3.30 7.93 -16.89
N GLU A 180 3.26 9.15 -16.38
CA GLU A 180 2.25 9.53 -15.44
C GLU A 180 0.92 9.62 -16.18
N VAL A 181 -0.13 9.09 -15.56
CA VAL A 181 -1.46 9.22 -16.16
C VAL A 181 -2.54 9.71 -15.20
N THR A 182 -2.22 9.86 -13.91
CA THR A 182 -3.19 10.33 -12.97
C THR A 182 -2.58 11.33 -12.02
N TRP A 183 -3.32 11.80 -11.02
CA TRP A 183 -2.80 12.79 -10.09
C TRP A 183 -2.28 12.06 -8.83
N HIS A 184 -1.50 12.78 -8.04
CA HIS A 184 -1.08 12.23 -6.80
C HIS A 184 -1.33 13.27 -5.75
N GLY A 185 -1.99 12.84 -4.69
CA GLY A 185 -2.09 13.66 -3.51
C GLY A 185 -3.11 14.74 -3.75
N LYS A 186 -2.91 15.85 -3.09
CA LYS A 186 -3.78 17.02 -3.23
C LYS A 186 -2.86 18.20 -3.14
N GLY A 187 -2.98 19.10 -4.10
CA GLY A 187 -2.19 20.32 -4.14
C GLY A 187 -0.84 20.12 -4.79
N ASN A 188 -0.63 18.97 -5.43
CA ASN A 188 0.58 18.76 -6.23
C ASN A 188 0.12 18.91 -7.67
N GLU A 189 0.74 19.81 -8.42
CA GLU A 189 0.41 19.96 -9.84
C GLU A 189 0.83 18.67 -10.49
N ASP A 190 -0.05 18.13 -11.35
CA ASP A 190 0.18 16.81 -11.95
C ASP A 190 1.27 16.95 -13.01
N ARG A 191 1.83 15.78 -13.38
CA ARG A 191 2.91 15.68 -14.37
C ARG A 191 2.48 14.64 -15.45
N ARG A 192 1.18 14.58 -15.72
CA ARG A 192 0.63 13.60 -16.65
C ARG A 192 1.32 13.69 -18.01
N GLY A 193 1.82 12.56 -18.49
CA GLY A 193 2.50 12.54 -19.78
C GLY A 193 4.00 12.38 -19.59
N GLN A 194 4.52 12.79 -18.44
CA GLN A 194 5.99 12.73 -18.17
C GLN A 194 6.44 11.36 -17.68
N THR A 195 7.76 11.13 -17.61
CA THR A 195 8.32 9.95 -17.00
C THR A 195 8.33 10.09 -15.47
N VAL A 196 8.65 8.99 -14.78
CA VAL A 196 8.87 9.04 -13.34
C VAL A 196 10.37 9.11 -12.99
N ASN A 197 11.23 9.48 -13.94
CA ASN A 197 12.70 9.43 -13.68
C ASN A 197 13.21 10.48 -12.74
N ALA A 198 12.65 11.65 -12.71
CA ALA A 198 13.07 12.64 -11.68
C ALA A 198 12.80 12.10 -10.25
N GLY A 199 11.65 11.50 -10.06
CA GLY A 199 11.26 10.95 -8.78
C GLY A 199 12.13 9.79 -8.35
N VAL A 200 12.44 8.88 -9.29
CA VAL A 200 13.37 7.79 -9.02
C VAL A 200 14.76 8.37 -8.64
N ALA A 201 15.21 9.31 -9.45
CA ALA A 201 16.51 9.87 -9.26
C ALA A 201 16.65 10.64 -7.92
N GLU A 202 15.56 11.19 -7.39
CA GLU A 202 15.72 11.92 -6.11
C GLU A 202 15.58 11.03 -4.94
N ARG A 203 15.38 9.75 -5.20
CA ARG A 203 15.25 8.75 -4.11
C ARG A 203 14.12 9.02 -3.13
N SER A 204 12.96 9.45 -3.64
CA SER A 204 11.81 9.63 -2.80
C SER A 204 11.24 8.25 -2.45
N TRP A 205 10.51 8.20 -1.35
CA TRP A 205 9.67 7.00 -1.13
C TRP A 205 8.64 6.74 -2.22
N LEU A 206 8.02 7.80 -2.72
CA LEU A 206 6.92 7.69 -3.70
C LEU A 206 7.27 6.80 -4.91
N TYR A 207 8.52 6.85 -5.38
CA TYR A 207 8.95 6.04 -6.50
C TYR A 207 9.92 4.91 -6.18
N LEU A 208 10.15 4.65 -4.89
CA LEU A 208 10.77 3.44 -4.39
C LEU A 208 12.17 3.18 -4.95
N LYS A 209 12.84 4.26 -5.27
CA LYS A 209 14.17 4.20 -5.89
C LYS A 209 14.14 3.32 -7.16
N GLY A 210 12.98 3.22 -7.78
CA GLY A 210 12.80 2.40 -9.03
C GLY A 210 12.38 0.94 -8.78
N SER A 211 12.31 0.53 -7.52
CA SER A 211 11.87 -0.82 -7.13
C SER A 211 10.35 -0.88 -6.90
N TYR A 212 9.63 -0.28 -7.84
CA TYR A 212 8.19 -0.27 -7.88
C TYR A 212 7.70 -1.50 -8.64
N MET A 213 6.43 -1.81 -8.60
CA MET A 213 5.94 -3.02 -9.25
C MET A 213 5.62 -2.67 -10.70
N ARG A 214 5.98 -3.55 -11.64
CA ARG A 214 5.63 -3.40 -13.01
C ARG A 214 4.73 -4.60 -13.30
N CYS A 215 3.43 -4.36 -13.39
CA CYS A 215 2.45 -5.47 -13.40
C CYS A 215 2.38 -6.17 -14.76
N ASP A 216 2.16 -7.47 -14.80
CA ASP A 216 1.64 -8.15 -16.02
C ASP A 216 0.11 -8.15 -15.88
N ARG A 217 -0.62 -8.77 -16.82
CA ARG A 217 -2.06 -8.72 -16.77
C ARG A 217 -2.65 -9.40 -15.55
N LYS A 218 -1.94 -10.39 -15.07
CA LYS A 218 -2.37 -11.11 -13.94
C LYS A 218 -2.22 -10.35 -12.64
N MET A 219 -1.15 -9.60 -12.52
CA MET A 219 -0.96 -8.71 -11.37
C MET A 219 -1.98 -7.55 -11.39
N GLU A 220 -2.37 -7.12 -12.58
CA GLU A 220 -3.43 -6.12 -12.74
C GLU A 220 -4.79 -6.63 -12.20
N VAL A 221 -5.09 -7.90 -12.44
CA VAL A 221 -6.27 -8.55 -11.83
C VAL A 221 -6.10 -8.54 -10.30
N ALA A 222 -4.94 -8.95 -9.81
CA ALA A 222 -4.66 -8.88 -8.37
C ALA A 222 -4.89 -7.49 -7.79
N PHE A 223 -4.46 -6.45 -8.50
CA PHE A 223 -4.65 -5.07 -8.04
C PHE A 223 -6.17 -4.79 -7.87
N MET A 224 -6.97 -5.12 -8.86
CA MET A 224 -8.45 -4.88 -8.76
C MET A 224 -9.10 -5.64 -7.64
N VAL A 225 -8.57 -6.81 -7.34
CA VAL A 225 -9.02 -7.58 -6.17
C VAL A 225 -8.64 -6.89 -4.84
N CYS A 226 -7.41 -6.45 -4.69
CA CYS A 226 -7.01 -5.64 -3.52
C CYS A 226 -7.86 -4.38 -3.39
N ALA A 227 -8.26 -3.80 -4.52
CA ALA A 227 -9.01 -2.58 -4.52
C ALA A 227 -10.46 -2.76 -4.13
N ILE A 228 -10.94 -3.99 -4.00
CA ILE A 228 -12.31 -4.21 -3.46
C ILE A 228 -12.41 -3.57 -2.11
N ASN A 229 -13.47 -2.87 -1.88
CA ASN A 229 -13.65 -2.21 -0.60
C ASN A 229 -14.91 -2.68 0.04
N PRO A 230 -14.77 -3.51 1.07
CA PRO A 230 -15.97 -4.03 1.72
C PRO A 230 -16.68 -3.13 2.65
N SER A 231 -16.20 -1.90 2.88
CA SER A 231 -16.85 -1.06 3.89
C SER A 231 -18.23 -0.65 3.49
N ILE A 232 -19.20 -0.85 4.37
CA ILE A 232 -20.52 -0.29 4.16
C ILE A 232 -20.54 1.08 4.84
N ASP A 233 -20.06 1.13 6.08
CA ASP A 233 -19.86 2.42 6.74
C ASP A 233 -18.70 2.33 7.74
N LEU A 234 -18.58 3.36 8.59
CA LEU A 234 -17.46 3.47 9.57
C LEU A 234 -17.27 2.22 10.40
N HIS A 235 -18.37 1.59 10.82
CA HIS A 235 -18.25 0.43 11.70
C HIS A 235 -18.83 -0.87 11.14
N THR A 236 -18.97 -0.96 9.82
CA THR A 236 -19.66 -2.07 9.25
C THR A 236 -19.06 -2.48 7.94
N ASP A 237 -18.62 -3.73 7.84
CA ASP A 237 -18.17 -4.29 6.59
C ASP A 237 -19.14 -5.30 6.00
N SER A 238 -19.16 -5.43 4.67
CA SER A 238 -19.90 -6.48 3.98
C SER A 238 -19.16 -7.84 4.12
N LEU A 239 -19.79 -8.77 4.84
CA LEU A 239 -19.28 -10.15 4.98
C LEU A 239 -19.09 -10.79 3.62
N GLU A 240 -19.99 -10.45 2.71
CA GLU A 240 -20.03 -11.02 1.34
C GLU A 240 -18.82 -10.56 0.56
N LEU A 241 -18.52 -9.28 0.65
CA LEU A 241 -17.36 -8.75 -0.05
C LEU A 241 -16.08 -9.20 0.60
N LEU A 242 -16.02 -9.27 1.93
CA LEU A 242 -14.81 -9.80 2.51
C LEU A 242 -14.56 -11.24 2.02
N GLN A 243 -15.59 -12.06 2.03
CA GLN A 243 -15.41 -13.46 1.60
C GLN A 243 -15.00 -13.52 0.10
N LEU A 244 -15.61 -12.70 -0.74
CA LEU A 244 -15.26 -12.65 -2.18
C LEU A 244 -13.78 -12.21 -2.37
N GLN A 245 -13.39 -11.17 -1.66
CA GLN A 245 -12.04 -10.69 -1.81
C GLN A 245 -11.01 -11.78 -1.39
N GLN A 246 -11.30 -12.42 -0.25
CA GLN A 246 -10.48 -13.47 0.30
C GLN A 246 -10.32 -14.66 -0.67
N LYS A 247 -11.41 -15.16 -1.20
CA LYS A 247 -11.36 -16.28 -2.16
C LYS A 247 -10.66 -15.90 -3.43
N LEU A 248 -10.86 -14.67 -3.87
CA LEU A 248 -10.15 -14.23 -5.07
C LEU A 248 -8.65 -14.11 -4.84
N LEU A 249 -8.25 -13.57 -3.69
CA LEU A 249 -6.86 -13.56 -3.33
C LEU A 249 -6.27 -14.99 -3.23
N TRP A 250 -6.99 -15.97 -2.68
CA TRP A 250 -6.45 -17.33 -2.61
C TRP A 250 -6.31 -17.93 -4.02
N LEU A 251 -7.30 -17.65 -4.87
CA LEU A 251 -7.28 -18.14 -6.27
C LEU A 251 -6.00 -17.59 -6.95
N LEU A 252 -5.73 -16.29 -6.78
CA LEU A 252 -4.55 -15.64 -7.34
C LEU A 252 -3.24 -16.16 -6.71
N TYR A 253 -3.26 -16.38 -5.41
CA TYR A 253 -2.13 -17.00 -4.70
C TYR A 253 -1.75 -18.38 -5.25
N ASP A 254 -2.77 -19.23 -5.39
CA ASP A 254 -2.58 -20.59 -5.86
C ASP A 254 -2.05 -20.64 -7.25
N LEU A 255 -2.43 -19.70 -8.09
CA LEU A 255 -1.94 -19.67 -9.46
C LEU A 255 -0.57 -18.99 -9.62
N GLY A 256 -0.02 -18.48 -8.54
CA GLY A 256 1.32 -17.92 -8.52
C GLY A 256 1.37 -16.40 -8.75
N HIS A 257 0.23 -15.70 -8.83
CA HIS A 257 0.22 -14.34 -9.29
C HIS A 257 0.36 -13.35 -8.14
N LEU A 258 0.46 -13.82 -6.92
CA LEU A 258 0.83 -12.91 -5.79
C LEU A 258 2.35 -12.99 -5.44
N GLU A 259 3.09 -13.85 -6.14
CA GLU A 259 4.55 -14.01 -5.94
C GLU A 259 5.31 -12.68 -5.86
N ARG A 260 5.00 -11.76 -6.77
CA ARG A 260 5.65 -10.46 -6.78
C ARG A 260 4.78 -9.30 -6.30
N TYR A 261 3.80 -9.61 -5.46
CA TYR A 261 2.90 -8.58 -4.95
C TYR A 261 2.80 -8.57 -3.34
N PRO A 262 3.80 -8.01 -2.67
CA PRO A 262 3.84 -7.95 -1.18
C PRO A 262 2.56 -7.40 -0.59
N MET A 263 2.01 -6.30 -1.11
CA MET A 263 0.79 -5.75 -0.44
C MET A 263 -0.42 -6.64 -0.50
N ALA A 264 -0.55 -7.38 -1.59
CA ALA A 264 -1.63 -8.28 -1.68
C ALA A 264 -1.51 -9.36 -0.68
N LEU A 265 -0.28 -9.75 -0.33
CA LEU A 265 -0.08 -10.83 0.68
C LEU A 265 -0.42 -10.32 2.08
N GLY A 266 -0.11 -9.08 2.35
CA GLY A 266 -0.48 -8.42 3.58
C GLY A 266 -2.00 -8.29 3.70
N ASN A 267 -2.67 -7.95 2.60
CA ASN A 267 -4.14 -7.85 2.60
C ASN A 267 -4.74 -9.23 2.83
N LEU A 268 -4.17 -10.25 2.20
CA LEU A 268 -4.68 -11.64 2.42
C LEU A 268 -4.49 -12.08 3.89
N ALA A 269 -3.32 -11.78 4.44
CA ALA A 269 -3.07 -12.13 5.88
C ALA A 269 -4.05 -11.42 6.80
N ASP A 270 -4.31 -10.13 6.53
CA ASP A 270 -5.32 -9.40 7.29
C ASP A 270 -6.69 -10.10 7.27
N LEU A 271 -7.12 -10.54 6.10
CA LEU A 271 -8.41 -11.23 5.91
C LEU A 271 -8.41 -12.61 6.68
N GLU A 272 -7.29 -13.29 6.64
CA GLU A 272 -7.19 -14.57 7.31
C GLU A 272 -7.21 -14.33 8.81
N GLU A 273 -6.62 -13.22 9.29
CA GLU A 273 -6.67 -12.93 10.74
C GLU A 273 -8.14 -12.78 11.16
N LEU A 274 -8.91 -12.12 10.29
CA LEU A 274 -10.28 -11.80 10.59
C LEU A 274 -11.12 -13.08 10.52
N GLU A 275 -10.87 -13.94 9.53
CA GLU A 275 -11.70 -15.12 9.36
C GLU A 275 -10.87 -16.17 8.69
N PRO A 276 -10.23 -17.06 9.47
CA PRO A 276 -9.25 -18.00 8.87
C PRO A 276 -9.85 -19.06 7.98
N THR A 277 -9.18 -19.36 6.87
CA THR A 277 -9.66 -20.42 5.98
C THR A 277 -9.00 -21.71 6.41
N PRO A 278 -9.81 -22.73 6.77
CA PRO A 278 -9.17 -24.01 7.15
C PRO A 278 -8.20 -24.60 6.10
N GLY A 279 -7.09 -25.07 6.60
CA GLY A 279 -6.05 -25.63 5.77
C GLY A 279 -5.12 -24.61 5.13
N ARG A 280 -5.33 -23.31 5.40
CA ARG A 280 -4.43 -22.29 4.83
C ARG A 280 -3.34 -21.86 5.82
N PRO A 281 -2.26 -21.30 5.31
CA PRO A 281 -1.20 -20.69 6.10
C PRO A 281 -1.75 -19.66 7.07
N ASP A 282 -1.15 -19.59 8.26
CA ASP A 282 -1.44 -18.55 9.26
C ASP A 282 -1.20 -17.15 8.69
N PRO A 283 -1.88 -16.15 9.27
CA PRO A 283 -1.53 -14.78 8.95
C PRO A 283 -0.04 -14.53 9.02
N LEU A 284 0.64 -14.99 10.07
CA LEU A 284 2.08 -14.71 10.20
C LEU A 284 2.91 -15.21 9.06
N THR A 285 2.67 -16.44 8.67
CA THR A 285 3.30 -16.99 7.51
C THR A 285 3.07 -16.11 6.29
N LEU A 286 1.87 -15.62 6.14
CA LEU A 286 1.55 -14.75 4.99
C LEU A 286 2.27 -13.42 5.08
N TYR A 287 2.30 -12.82 6.26
CA TYR A 287 3.03 -11.55 6.37
C TYR A 287 4.50 -11.74 6.03
N HIS A 288 5.08 -12.85 6.50
CA HIS A 288 6.47 -13.10 6.20
C HIS A 288 6.72 -13.38 4.70
N LYS A 289 5.76 -13.95 4.02
CA LYS A 289 5.87 -14.12 2.59
C LYS A 289 5.87 -12.82 1.86
N GLY A 290 5.01 -11.91 2.29
CA GLY A 290 5.03 -10.51 1.85
C GLY A 290 6.39 -9.89 1.92
N ILE A 291 7.01 -9.98 3.10
CA ILE A 291 8.39 -9.50 3.31
C ILE A 291 9.39 -10.23 2.39
N ALA A 292 9.25 -11.55 2.28
CA ALA A 292 10.13 -12.32 1.38
C ALA A 292 9.99 -11.83 -0.07
N SER A 293 8.79 -11.55 -0.52
CA SER A 293 8.59 -11.06 -1.91
C SER A 293 9.29 -9.73 -2.10
N ALA A 294 9.17 -8.84 -1.11
CA ALA A 294 9.79 -7.49 -1.17
C ALA A 294 11.31 -7.63 -1.23
N LYS A 295 11.85 -8.51 -0.42
CA LYS A 295 13.26 -8.82 -0.44
C LYS A 295 13.73 -9.46 -1.73
N THR A 296 12.95 -10.37 -2.28
CA THR A 296 13.35 -11.06 -3.52
C THR A 296 13.23 -10.23 -4.77
N TYR A 297 12.15 -9.49 -4.94
CA TYR A 297 11.90 -8.77 -6.18
C TYR A 297 12.08 -7.26 -6.13
N TYR A 298 12.14 -6.63 -4.94
CA TYR A 298 12.17 -5.17 -4.84
C TYR A 298 13.26 -4.66 -3.92
N ARG A 299 14.35 -5.45 -3.80
CA ARG A 299 15.56 -5.11 -3.05
C ARG A 299 15.31 -4.74 -1.62
N ASP A 300 14.19 -5.23 -1.03
CA ASP A 300 13.83 -4.88 0.32
C ASP A 300 13.67 -3.37 0.51
N GLU A 301 13.09 -2.71 -0.49
N GLU A 301 13.15 -2.69 -0.51
CA GLU A 301 12.89 -1.28 -0.44
CA GLU A 301 12.93 -1.25 -0.47
C GLU A 301 11.45 -0.86 -0.16
C GLU A 301 11.47 -0.87 -0.14
N HIS A 302 10.60 -1.82 0.24
CA HIS A 302 9.19 -1.53 0.54
C HIS A 302 8.98 -1.38 2.07
N ILE A 303 8.16 -0.44 2.46
CA ILE A 303 7.86 -0.24 3.90
C ILE A 303 6.64 -1.04 4.35
N TYR A 304 5.59 -1.19 3.53
CA TYR A 304 4.38 -1.81 4.09
C TYR A 304 4.45 -3.28 4.52
N PRO A 305 5.32 -4.07 3.93
CA PRO A 305 5.42 -5.48 4.36
C PRO A 305 5.74 -5.61 5.85
N TYR A 306 6.54 -4.67 6.36
CA TYR A 306 6.89 -4.66 7.78
C TYR A 306 5.79 -3.97 8.55
N MET A 307 5.16 -2.96 7.99
CA MET A 307 4.02 -2.30 8.71
C MET A 307 2.85 -3.27 8.88
N TYR A 308 2.54 -4.04 7.83
CA TYR A 308 1.50 -5.06 7.97
C TYR A 308 1.80 -6.01 9.12
N LEU A 309 3.06 -6.48 9.16
CA LEU A 309 3.43 -7.39 10.20
C LEU A 309 3.38 -6.74 11.57
N ALA A 310 3.92 -5.52 11.67
CA ALA A 310 3.81 -4.86 12.97
C ALA A 310 2.38 -4.70 13.45
N GLY A 311 1.46 -4.38 12.53
CA GLY A 311 0.06 -4.13 12.90
C GLY A 311 -0.57 -5.35 13.52
N TYR A 312 -0.29 -6.49 12.91
CA TYR A 312 -0.74 -7.77 13.43
C TYR A 312 -0.21 -7.99 14.84
N HIS A 313 1.09 -7.80 15.03
CA HIS A 313 1.68 -7.98 16.33
C HIS A 313 1.14 -6.98 17.34
N CYS A 314 0.91 -5.75 16.88
CA CYS A 314 0.33 -4.74 17.79
C CYS A 314 -1.11 -5.17 18.20
N ARG A 315 -1.91 -5.63 17.26
CA ARG A 315 -3.31 -6.06 17.61
C ARG A 315 -3.35 -7.21 18.56
N ASN A 316 -2.38 -8.10 18.48
CA ASN A 316 -2.28 -9.24 19.33
C ASN A 316 -1.40 -9.02 20.57
N ARG A 317 -0.95 -7.79 20.79
CA ARG A 317 -0.04 -7.43 21.90
C ARG A 317 1.19 -8.31 22.03
N ASN A 318 1.82 -8.58 20.92
CA ASN A 318 3.13 -9.15 20.90
C ASN A 318 4.01 -7.85 20.83
N VAL A 319 4.26 -7.20 21.96
CA VAL A 319 4.97 -5.89 21.92
C VAL A 319 6.39 -5.98 21.33
N ARG A 320 7.10 -7.02 21.75
CA ARG A 320 8.48 -7.25 21.32
C ARG A 320 8.54 -7.43 19.81
N GLU A 321 7.62 -8.23 19.28
CA GLU A 321 7.57 -8.46 17.81
C GLU A 321 7.06 -7.24 17.05
N ALA A 322 6.14 -6.49 17.64
CA ALA A 322 5.67 -5.28 16.96
C ALA A 322 6.81 -4.24 16.85
N LEU A 323 7.51 -4.03 17.98
CA LEU A 323 8.69 -3.15 18.05
C LEU A 323 9.76 -3.58 17.05
N GLN A 324 10.04 -4.87 16.96
CA GLN A 324 11.00 -5.33 15.96
C GLN A 324 10.59 -5.05 14.51
N ALA A 325 9.33 -5.27 14.22
CA ALA A 325 8.81 -5.01 12.87
C ALA A 325 8.81 -3.50 12.54
N TRP A 326 8.41 -2.65 13.48
CA TRP A 326 8.55 -1.21 13.26
C TRP A 326 10.02 -0.80 13.12
N ALA A 327 10.92 -1.35 13.95
CA ALA A 327 12.37 -1.06 13.72
C ALA A 327 12.80 -1.40 12.29
N ASP A 328 12.29 -2.53 11.81
CA ASP A 328 12.59 -2.96 10.45
C ASP A 328 12.01 -2.00 9.40
N THR A 329 10.81 -1.42 9.67
CA THR A 329 10.29 -0.36 8.78
C THR A 329 11.26 0.80 8.69
N ALA A 330 11.72 1.24 9.87
CA ALA A 330 12.70 2.35 9.92
C ALA A 330 14.00 1.99 9.21
N THR A 331 14.40 0.75 9.30
CA THR A 331 15.64 0.32 8.66
C THR A 331 15.47 0.39 7.12
N VAL A 332 14.25 0.29 6.60
CA VAL A 332 14.01 0.51 5.16
C VAL A 332 14.04 2.01 4.82
N ILE A 333 13.30 2.81 5.56
CA ILE A 333 13.12 4.19 5.23
C ILE A 333 14.44 4.92 5.35
N GLN A 334 15.39 4.41 6.12
CA GLN A 334 16.60 5.18 6.34
C GLN A 334 17.39 5.48 5.05
N ASP A 335 17.28 4.62 4.04
CA ASP A 335 17.99 4.79 2.80
C ASP A 335 17.21 5.56 1.69
N TYR A 336 16.22 6.33 2.09
CA TYR A 336 15.45 7.23 1.24
C TYR A 336 15.73 8.63 1.68
N ASN A 337 15.49 9.58 0.77
CA ASN A 337 15.39 11.00 1.06
C ASN A 337 13.94 11.39 1.26
N TYR A 338 13.62 12.18 2.32
CA TYR A 338 12.26 12.58 2.58
C TYR A 338 11.96 13.73 1.62
N CYS A 339 11.09 13.46 0.67
CA CYS A 339 10.70 14.43 -0.34
C CYS A 339 9.23 14.91 -0.22
N ARG A 340 8.98 16.02 -0.86
CA ARG A 340 7.69 16.59 -1.10
C ARG A 340 6.92 15.45 -1.80
N GLU A 341 5.70 15.22 -1.39
CA GLU A 341 4.89 14.10 -1.91
C GLU A 341 5.05 12.74 -1.21
N ASP A 342 6.02 12.61 -0.29
CA ASP A 342 6.10 11.45 0.59
C ASP A 342 5.29 11.55 1.91
N GLU A 343 4.33 12.49 1.98
CA GLU A 343 3.72 12.79 3.26
C GLU A 343 2.96 11.58 3.84
N GLU A 344 2.48 10.67 3.01
N GLU A 344 2.49 10.67 3.00
CA GLU A 344 1.68 9.57 3.55
CA GLU A 344 1.70 9.57 3.52
C GLU A 344 2.56 8.68 4.44
C GLU A 344 2.56 8.70 4.43
N ILE A 345 3.81 8.52 4.03
CA ILE A 345 4.75 7.72 4.83
C ILE A 345 5.23 8.42 6.12
N TYR A 346 5.43 9.72 6.08
CA TYR A 346 5.67 10.56 7.31
C TYR A 346 4.52 10.35 8.27
N LYS A 347 3.25 10.41 7.81
CA LYS A 347 2.07 10.26 8.67
C LYS A 347 2.06 8.93 9.36
N GLU A 348 2.35 7.87 8.59
CA GLU A 348 2.42 6.52 9.15
C GLU A 348 3.49 6.41 10.25
N PHE A 349 4.71 6.89 9.98
CA PHE A 349 5.74 6.96 11.04
C PHE A 349 5.37 7.85 12.21
N PHE A 350 4.75 8.97 11.93
CA PHE A 350 4.34 9.89 13.03
C PHE A 350 3.34 9.20 13.99
N GLU A 351 2.30 8.61 13.41
CA GLU A 351 1.27 7.88 14.18
C GLU A 351 1.89 6.71 15.01
N VAL A 352 2.84 5.97 14.47
CA VAL A 352 3.51 4.88 15.15
C VAL A 352 4.27 5.41 16.35
N ALA A 353 5.13 6.37 16.08
CA ALA A 353 5.97 6.97 17.10
C ALA A 353 5.19 7.66 18.16
N ASN A 354 4.14 8.39 17.75
CA ASN A 354 3.55 9.35 18.61
C ASN A 354 2.18 9.02 19.11
N ASP A 355 1.64 7.89 18.72
CA ASP A 355 0.38 7.44 19.26
C ASP A 355 0.40 5.93 19.57
N VAL A 356 0.77 5.13 18.58
CA VAL A 356 0.62 3.67 18.73
C VAL A 356 1.58 3.09 19.74
N ILE A 357 2.86 3.39 19.59
CA ILE A 357 3.82 2.94 20.52
C ILE A 357 3.59 3.50 21.95
N PRO A 358 3.33 4.83 22.11
CA PRO A 358 3.05 5.27 23.49
C PRO A 358 1.86 4.51 24.15
N ASN A 359 0.81 4.28 23.40
CA ASN A 359 -0.33 3.54 23.96
C ASN A 359 -0.04 2.08 24.29
N LEU A 360 0.75 1.42 23.45
CA LEU A 360 1.22 0.07 23.76
C LEU A 360 2.08 0.03 24.99
N LEU A 361 3.03 0.95 25.10
CA LEU A 361 3.93 0.97 26.26
C LEU A 361 3.22 1.39 27.54
N LYS A 362 2.23 2.26 27.42
CA LYS A 362 1.40 2.63 28.58
C LYS A 362 0.71 1.37 29.18
N GLU A 363 0.10 0.55 28.32
CA GLU A 363 -0.58 -0.67 28.76
C GLU A 363 0.45 -1.65 29.35
N ALA A 364 1.58 -1.74 28.67
CA ALA A 364 2.70 -2.63 29.16
C ALA A 364 3.12 -2.22 30.57
N ALA A 365 3.17 -0.92 30.83
CA ALA A 365 3.53 -0.45 32.12
C ALA A 365 2.48 -0.76 33.19
N SER A 366 1.18 -0.55 32.93
CA SER A 366 0.12 -1.11 33.80
C SER A 366 0.23 -2.56 34.08
N LEU A 367 0.46 -3.33 33.02
CA LEU A 367 0.57 -4.78 33.20
C LEU A 367 1.80 -5.24 34.04
N LEU A 368 2.91 -4.55 33.84
CA LEU A 368 4.11 -4.73 34.64
C LEU A 368 3.86 -4.46 36.11
N GLU A 369 3.14 -3.39 36.42
CA GLU A 369 2.81 -3.04 37.81
C GLU A 369 1.91 -4.16 38.38
N ALA A 370 1.12 -4.76 37.50
CA ALA A 370 0.26 -5.87 37.88
C ALA A 370 1.08 -7.14 38.07
N GLY A 371 2.32 -7.14 37.62
CA GLY A 371 3.18 -8.30 37.81
C GLY A 371 3.32 -9.22 36.62
N SER A 372 3.29 -8.65 35.43
CA SER A 372 3.55 -9.45 34.23
C SER A 372 5.02 -9.87 34.18
N GLN A 373 5.25 -11.11 33.76
CA GLN A 373 6.59 -11.66 33.63
C GLN A 373 6.90 -11.71 32.12
N GLY A 374 8.18 -11.60 31.79
CA GLY A 374 8.56 -11.50 30.38
C GLY A 374 8.05 -10.29 29.65
N SER A 375 7.73 -9.23 30.40
CA SER A 375 7.36 -7.92 29.82
C SER A 375 8.39 -7.37 28.84
N ALA A 376 7.86 -6.73 27.81
CA ALA A 376 8.66 -6.03 26.85
C ALA A 376 9.47 -4.95 27.60
N LEU A 377 8.84 -4.32 28.60
CA LEU A 377 9.55 -3.26 29.34
C LEU A 377 10.78 -3.73 30.17
N GLN A 378 10.90 -5.03 30.38
CA GLN A 378 12.06 -5.61 31.05
C GLN A 378 12.99 -6.31 30.11
N ASP A 379 12.74 -6.14 28.79
CA ASP A 379 13.54 -6.86 27.85
C ASP A 379 14.43 -5.87 27.16
N PRO A 380 15.75 -5.92 27.42
CA PRO A 380 16.55 -4.94 26.71
C PRO A 380 16.54 -5.09 25.18
N GLU A 381 16.18 -6.25 24.63
CA GLU A 381 16.04 -6.31 23.14
C GLU A 381 14.89 -5.44 22.62
N CYS A 382 13.79 -5.35 23.36
CA CYS A 382 12.72 -4.39 23.09
C CYS A 382 13.19 -2.95 23.10
N PHE A 383 14.01 -2.57 24.10
CA PHE A 383 14.55 -1.24 24.16
C PHE A 383 15.41 -1.00 22.92
N ALA A 384 16.22 -1.96 22.55
CA ALA A 384 17.03 -1.86 21.36
C ALA A 384 16.17 -1.66 20.10
N HIS A 385 15.06 -2.36 19.98
CA HIS A 385 14.17 -2.16 18.76
C HIS A 385 13.63 -0.70 18.73
N LEU A 386 13.22 -0.21 19.90
CA LEU A 386 12.78 1.16 20.01
C LEU A 386 13.87 2.13 19.53
N LEU A 387 15.09 1.93 19.96
CA LEU A 387 16.18 2.76 19.54
C LEU A 387 16.45 2.63 18.04
N ARG A 388 16.39 1.41 17.51
CA ARG A 388 16.64 1.21 16.08
C ARG A 388 15.58 1.91 15.27
N PHE A 389 14.32 1.88 15.73
CA PHE A 389 13.23 2.61 15.10
C PHE A 389 13.55 4.11 14.98
N TYR A 390 13.88 4.78 16.11
CA TYR A 390 14.25 6.18 16.03
C TYR A 390 15.53 6.42 15.20
N ASP A 391 16.51 5.51 15.26
CA ASP A 391 17.70 5.64 14.44
C ASP A 391 17.41 5.73 12.92
N GLY A 392 16.54 4.86 12.41
CA GLY A 392 16.23 4.88 11.01
C GLY A 392 15.43 6.11 10.63
N ILE A 393 14.62 6.62 11.54
CA ILE A 393 13.87 7.84 11.17
C ILE A 393 14.88 9.02 11.13
N CYS A 394 15.74 9.14 12.11
CA CYS A 394 16.83 10.12 12.07
C CYS A 394 17.73 10.01 10.81
N LYS A 395 18.10 8.79 10.41
CA LYS A 395 18.94 8.64 9.25
C LYS A 395 18.18 9.05 8.00
N TRP A 396 16.90 8.70 7.94
CA TRP A 396 16.05 9.10 6.82
C TRP A 396 16.12 10.59 6.61
N GLU A 397 16.08 11.31 7.72
CA GLU A 397 16.10 12.75 7.65
C GLU A 397 17.44 13.33 7.08
N GLU A 398 18.56 12.64 7.36
CA GLU A 398 19.87 13.06 6.88
C GLU A 398 19.90 13.25 5.36
N GLY A 399 20.36 14.40 4.96
CA GLY A 399 20.40 14.67 3.56
C GLY A 399 19.08 14.90 2.86
N SER A 400 17.93 14.75 3.50
CA SER A 400 16.68 15.00 2.80
C SER A 400 16.41 16.51 2.54
N PRO A 401 15.64 16.83 1.48
CA PRO A 401 15.46 18.32 1.22
C PRO A 401 14.51 19.05 2.16
N THR A 402 13.79 18.30 3.01
CA THR A 402 13.00 18.82 4.13
C THR A 402 13.23 17.94 5.38
N PRO A 403 13.13 18.53 6.61
CA PRO A 403 13.29 17.72 7.82
C PRO A 403 12.07 16.84 8.15
N VAL A 404 12.29 15.94 9.11
CA VAL A 404 11.32 15.01 9.59
C VAL A 404 10.97 15.34 11.05
N LEU A 405 12.01 15.52 11.86
CA LEU A 405 11.79 15.55 13.31
C LEU A 405 11.55 16.94 13.80
N HIS A 406 10.71 17.05 14.80
CA HIS A 406 10.55 18.36 15.48
C HIS A 406 10.21 18.14 16.94
N VAL A 407 10.02 19.22 17.69
CA VAL A 407 9.88 19.02 19.14
C VAL A 407 8.66 18.17 19.55
N GLY A 408 7.60 18.21 18.73
CA GLY A 408 6.45 17.33 18.93
C GLY A 408 6.80 15.87 18.99
N TRP A 409 7.87 15.45 18.29
CA TRP A 409 8.37 14.08 18.43
C TRP A 409 9.23 13.82 19.70
N ALA A 410 9.89 14.84 20.20
CA ALA A 410 10.79 14.70 21.30
C ALA A 410 10.05 14.32 22.59
N THR A 411 8.87 14.88 22.79
CA THR A 411 8.13 14.60 24.00
C THR A 411 7.76 13.14 24.16
N PHE A 412 7.36 12.54 23.04
CA PHE A 412 7.01 11.15 23.01
C PHE A 412 8.22 10.28 23.14
N LEU A 413 9.34 10.69 22.54
CA LEU A 413 10.56 9.94 22.67
C LEU A 413 10.91 9.83 24.14
N VAL A 414 10.92 10.94 24.83
CA VAL A 414 11.29 10.94 26.23
C VAL A 414 10.38 10.04 27.03
N GLN A 415 9.08 10.16 26.78
CA GLN A 415 8.13 9.38 27.51
C GLN A 415 8.36 7.84 27.24
N SER A 416 8.59 7.44 25.99
CA SER A 416 8.73 6.04 25.62
C SER A 416 10.03 5.47 26.27
N LEU A 417 11.13 6.25 26.22
CA LEU A 417 12.41 5.88 26.87
C LEU A 417 12.21 5.63 28.36
N GLY A 418 11.48 6.53 29.01
CA GLY A 418 11.18 6.48 30.47
C GLY A 418 10.34 5.26 30.87
N ARG A 419 9.70 4.57 29.90
CA ARG A 419 8.88 3.39 30.25
C ARG A 419 9.75 2.20 30.63
N PHE A 420 11.00 2.23 30.16
CA PHE A 420 12.03 1.24 30.51
C PHE A 420 12.88 1.75 31.65
N GLU A 421 13.01 0.95 32.70
CA GLU A 421 13.83 1.31 33.84
C GLU A 421 15.28 1.40 33.38
N GLY A 422 16.07 2.21 34.08
CA GLY A 422 17.49 2.35 33.80
C GLY A 422 18.28 1.04 33.82
N GLN A 423 17.92 0.10 34.66
CA GLN A 423 18.64 -1.19 34.67
C GLN A 423 18.41 -2.02 33.42
N VAL A 424 17.32 -1.78 32.71
CA VAL A 424 17.00 -2.41 31.46
C VAL A 424 17.70 -1.71 30.31
N ARG A 425 17.61 -0.40 30.30
CA ARG A 425 18.29 0.39 29.31
C ARG A 425 19.81 0.21 29.26
N GLN A 426 20.43 0.07 30.44
CA GLN A 426 21.86 -0.07 30.53
C GLN A 426 22.36 -1.38 29.93
N LYS A 427 21.51 -2.39 29.80
CA LYS A 427 21.95 -3.65 29.25
C LYS A 427 22.07 -3.65 27.73
N VAL A 428 21.62 -2.60 27.06
CA VAL A 428 21.85 -2.52 25.59
C VAL A 428 23.26 -2.05 25.32
N ARG A 429 24.04 -2.82 24.54
CA ARG A 429 25.40 -2.34 24.20
C ARG A 429 25.31 -1.64 22.85
N ILE A 430 25.70 -0.40 22.80
CA ILE A 430 25.65 0.36 21.56
C ILE A 430 27.09 0.40 21.07
N VAL A 431 27.33 -0.24 19.92
CA VAL A 431 28.64 -0.43 19.33
C VAL A 431 28.81 0.51 18.12
N SER A 432 29.99 1.10 18.01
CA SER A 432 30.40 1.92 16.87
C SER A 432 30.82 1.10 15.67
N VAL A 433 30.59 1.68 14.50
CA VAL A 433 31.26 1.25 13.28
C VAL A 433 32.49 2.17 13.09
N PRO A 434 33.72 1.65 13.30
CA PRO A 434 34.16 0.34 13.88
C ALA A 435 23.55 -8.81 23.80
N PRO A 436 22.53 -7.93 23.99
CA PRO A 436 21.96 -7.10 22.92
C PRO A 436 22.89 -5.95 22.52
N VAL A 437 23.13 -5.87 21.24
CA VAL A 437 24.06 -4.88 20.71
C VAL A 437 23.35 -4.25 19.55
N LEU A 438 23.60 -2.97 19.41
CA LEU A 438 22.95 -2.17 18.42
C LEU A 438 24.05 -1.28 17.85
N THR A 439 24.02 -1.02 16.55
CA THR A 439 24.86 0.03 15.95
C THR A 439 23.93 1.09 15.38
N PHE A 440 24.22 2.36 15.65
CA PHE A 440 23.43 3.45 15.14
C PHE A 440 23.99 3.93 13.81
N GLN A 441 23.13 4.22 12.87
CA GLN A 441 23.55 4.80 11.59
C GLN A 441 23.44 6.28 11.59
N SER A 442 22.60 6.84 12.45
CA SER A 442 22.30 8.28 12.35
C SER A 442 23.19 9.06 13.33
N GLU A 443 23.61 10.26 12.94
CA GLU A 443 24.40 11.12 13.82
C GLU A 443 23.58 11.59 15.04
N LYS A 444 22.27 11.80 14.87
CA LYS A 444 21.44 12.16 15.97
C LYS A 444 21.46 11.13 17.13
N MET A 445 21.26 9.86 16.81
CA MET A 445 21.20 8.85 17.84
C MET A 445 22.62 8.59 18.42
N LYS A 446 23.65 8.67 17.56
CA LYS A 446 25.06 8.51 18.08
C LYS A 446 25.37 9.57 19.17
N GLY A 447 24.88 10.79 19.01
CA GLY A 447 25.11 11.78 20.04
C GLY A 447 24.26 11.60 21.30
N MET A 448 23.22 10.79 21.16
CA MET A 448 22.29 10.56 22.20
C MET A 448 22.71 9.40 23.10
N LYS A 449 23.77 8.66 22.76
CA LYS A 449 23.95 7.34 23.39
C LYS A 449 24.11 7.51 24.91
N GLU A 450 25.02 8.40 25.29
CA GLU A 450 25.24 8.92 26.67
C GLU A 450 23.96 9.20 27.45
N LEU A 451 23.01 9.84 26.84
CA LEU A 451 21.73 10.12 27.53
C LEU A 451 20.76 8.90 27.73
N LEU A 452 20.93 7.85 26.94
CA LEU A 452 19.97 6.70 26.91
C LEU A 452 20.01 5.78 28.07
N VAL A 453 21.01 5.93 28.88
CA VAL A 453 21.26 5.10 30.07
C VAL A 453 21.08 5.68 31.47
N ALA A 454 21.16 6.99 31.60
CA ALA A 454 20.92 7.62 32.88
C ALA A 454 19.66 7.11 33.52
N THR A 455 19.65 7.08 34.85
CA THR A 455 18.55 6.52 35.59
C THR A 455 17.35 7.44 35.42
N LYS A 456 17.66 8.74 35.42
CA LYS A 456 16.71 9.85 35.19
C LYS A 456 17.08 10.32 33.81
N ILE A 457 16.18 10.13 32.87
CA ILE A 457 16.41 10.64 31.56
C ILE A 457 16.49 12.18 31.55
N ASN A 458 17.56 12.74 30.98
CA ASN A 458 17.70 14.18 30.82
C ASN A 458 16.85 14.63 29.60
N SER A 459 15.62 15.01 29.91
CA SER A 459 14.58 15.33 28.95
C SER A 459 14.93 16.52 28.02
N SER A 460 15.38 17.61 28.62
N SER A 460 15.40 17.60 28.63
CA SER A 460 15.80 18.75 27.85
CA SER A 460 15.78 18.76 27.89
C SER A 460 16.92 18.39 26.89
C SER A 460 17.00 18.56 27.01
N ALA A 461 17.93 17.66 27.37
CA ALA A 461 19.08 17.37 26.51
C ALA A 461 18.64 16.47 25.33
N ILE A 462 17.72 15.55 25.61
CA ILE A 462 17.23 14.61 24.54
C ILE A 462 16.55 15.46 23.52
N LYS A 463 15.68 16.38 23.97
CA LYS A 463 14.97 17.28 23.05
C LYS A 463 15.94 18.01 22.18
N LEU A 464 16.96 18.56 22.78
CA LEU A 464 17.99 19.29 22.00
C LEU A 464 18.70 18.43 20.93
N GLN A 465 19.05 17.22 21.31
CA GLN A 465 19.66 16.28 20.40
C GLN A 465 18.78 15.81 19.24
N LEU A 466 17.50 15.50 19.49
CA LEU A 466 16.61 15.07 18.45
C LEU A 466 16.23 16.16 17.47
N THR A 467 16.10 17.43 17.92
CA THR A 467 15.60 18.48 17.03
C THR A 467 16.73 19.35 16.50
N ALA A 468 17.93 19.10 17.00
CA ALA A 468 19.10 19.95 16.74
C ALA A 468 18.86 21.43 17.10
N GLN A 469 18.13 21.66 18.20
CA GLN A 469 17.78 23.01 18.62
C GLN A 469 19.11 23.52 19.17
N SER A 470 19.46 24.75 18.81
CA SER A 470 20.83 25.25 19.03
C SER A 470 20.90 25.83 20.46
N GLN A 471 19.79 26.46 20.89
CA GLN A 471 19.74 27.30 22.06
C GLN A 471 18.59 26.94 23.01
N VAL A 472 18.72 27.34 24.28
CA VAL A 472 17.63 27.25 25.26
C VAL A 472 17.18 28.66 25.69
N GLN A 473 16.03 28.78 26.38
CA GLN A 473 15.35 30.09 26.62
C GLN A 473 16.29 31.15 27.18
S SO4 B . -7.17 -2.48 19.93
O1 SO4 B . -6.62 -1.82 21.16
O2 SO4 B . -6.14 -3.36 19.31
O3 SO4 B . -7.58 -1.43 18.96
O4 SO4 B . -8.31 -3.36 20.32
CAK 2S6 C . -0.20 0.92 8.02
CAI 2S6 C . 0.35 0.84 9.30
CAY 2S6 C . 0.41 -0.37 9.96
CAC 2S6 C . 0.97 -0.44 11.26
NAA 2S6 C . 1.45 -0.48 12.29
CAJ 2S6 C . -0.11 -1.50 9.33
CAL 2S6 C . -0.64 -1.44 8.03
CAZ 2S6 C . -0.67 -0.23 7.37
OAX 2S6 C . -1.17 -0.08 6.10
CAP 2S6 C . -1.64 -1.21 5.35
CAO 2S6 C . -2.54 -0.65 4.21
CAU 2S6 C . -1.56 -0.18 3.17
NBD 2S6 C . -2.22 0.59 2.06
CAW 2S6 C . -1.28 0.86 0.97
CAT 2S6 C . -1.88 1.67 -0.16
CAV 2S6 C . -3.22 -0.34 1.39
CAS 2S6 C . -4.07 0.39 0.28
CBC 2S6 C . -3.00 0.86 -0.81
CBE 2S6 C . -3.61 1.55 -2.07
CBB 2S6 C . -4.70 0.63 -2.66
CAQ 2S6 C . -4.28 -0.79 -3.14
CAM 2S6 C . -5.62 -1.26 -3.74
CAN 2S6 C . -6.31 0.04 -4.33
CAR 2S6 C . -5.44 1.21 -3.96
OAB 2S6 C . -4.20 2.76 -1.64
CBA 2S6 C . -2.62 1.82 -3.07
CAG 2S6 C . -2.61 3.04 -3.76
CAE 2S6 C . -1.67 3.31 -4.76
CAD 2S6 C . -0.68 2.35 -5.04
CAF 2S6 C . -0.66 1.15 -4.39
CAH 2S6 C . -1.59 0.91 -3.39
O1 PG4 D . 6.15 18.56 9.58
C1 PG4 D . 4.84 19.10 9.49
C2 PG4 D . 4.24 19.08 10.88
O2 PG4 D . 3.63 20.32 11.29
C3 PG4 D . 3.22 20.24 12.65
C4 PG4 D . 2.03 19.30 12.70
O3 PG4 D . 1.81 18.88 14.00
C5 PG4 D . 1.85 17.51 14.25
C6 PG4 D . 0.75 16.75 13.53
O4 PG4 D . 1.36 15.85 12.59
C7 PG4 D . 0.47 14.77 12.25
C8 PG4 D . 1.09 14.08 11.03
O5 PG4 D . 0.85 14.82 9.82
C1 PEG E . -7.21 16.27 -9.62
O1 PEG E . -7.50 16.44 -8.23
C2 PEG E . -8.45 16.60 -10.43
O2 PEG E . -9.26 15.42 -10.60
C3 PEG E . -9.69 15.25 -11.95
C4 PEG E . -11.02 15.99 -12.09
O4 PEG E . -11.30 16.13 -13.49
C1 PEG F . 3.25 -20.75 -7.01
O1 PEG F . 3.23 -21.03 -8.42
C2 PEG F . 1.98 -21.38 -6.39
O2 PEG F . 1.58 -20.71 -5.17
C3 PEG F . 2.29 -21.13 -3.97
C4 PEG F . 3.44 -20.10 -3.68
O4 PEG F . 3.07 -19.14 -2.66
S DMS G . -28.36 -21.01 -14.68
O DMS G . -29.19 -19.79 -14.81
C1 DMS G . -26.98 -20.97 -15.70
C2 DMS G . -27.61 -21.05 -13.14
S DMS H . 11.59 0.41 -16.69
O DMS H . 11.93 -0.42 -15.50
C1 DMS H . 9.86 0.52 -16.75
C2 DMS H . 12.02 2.07 -16.53
S DMS I . 4.92 -8.50 25.10
O DMS I . 6.21 -8.69 24.29
C1 DMS I . 4.30 -10.04 25.61
C2 DMS I . 5.11 -7.60 26.57
S DMS J . -30.08 -6.06 -8.26
O DMS J . -29.55 -7.07 -7.33
C1 DMS J . -30.52 -4.69 -7.35
C2 DMS J . -28.81 -5.53 -9.26
#